data_6ONH
#
_entry.id   6ONH
#
_cell.length_a   67.100
_cell.length_b   66.830
_cell.length_c   85.870
_cell.angle_alpha   90.00
_cell.angle_beta   90.00
_cell.angle_gamma   90.00
#
_symmetry.space_group_name_H-M   'P 21 21 21'
#
loop_
_entity.id
_entity.type
_entity.pdbx_description
1 polymer 'HIV-1 LM/HT Clade A/E CRF01 gp120'
2 non-polymer 2-acetamido-2-deoxy-beta-D-glucopyranose
3 non-polymer (3S)-N~3~-(4-chloro-3-fluorophenyl)-N~1~-propylpiperidine-1,3-dicarboxamide
4 non-polymer '4-(2-HYDROXYETHYL)-1-PIPERAZINE ETHANESULFONIC ACID'
5 water water
#
_entity_poly.entity_id   1
_entity_poly.type   'polypeptide(L)'
_entity_poly.pdbx_seq_one_letter_code
;VPVWKDADTTLFCASDAKAYETEVHNVWATHACVPTDPNPQEIHLENVTENFNMWKNNMVEQMHEDIISLWDQSLQPCVK
LTGGSVIKQACPKISFDPIPIHYCTPAGYVILKCNDKNFNGTGPCKNVSSVQCTHGIKPVVSTQLLLNGSLAEEEIIIRS
ENLTNNAKTIIVHLNKSVEINCTRPSNGGSGSGGDIRKAYCEINGTKWNKVLKQVTEKLKEHFNNKTIIFQPPSGGDLEI
TMHTFNCRGEFFYCNTTQLFNNTCIGNETMKGCNGTITLPCKIKQIINMWQGTGQAMYAPPIDGKINCVSNITGILLTRD
GGANNTSNETFRPGGGDMRDNWRSELYKYKVVQIE
;
_entity_poly.pdbx_strand_id   A
#
# COMPACT_ATOMS: atom_id res chain seq x y z
N PRO A 2 6.85 -20.06 30.95
CA PRO A 2 5.74 -20.55 30.15
C PRO A 2 5.39 -19.42 29.19
N VAL A 3 6.36 -19.06 28.36
CA VAL A 3 6.23 -17.85 27.49
C VAL A 3 5.86 -18.14 26.03
N TRP A 4 6.65 -17.74 25.03
CA TRP A 4 6.10 -17.91 23.67
C TRP A 4 7.05 -18.55 22.66
N LYS A 5 6.47 -18.89 21.50
CA LYS A 5 7.14 -19.41 20.32
C LYS A 5 6.38 -18.94 19.08
N ASP A 6 7.08 -18.93 17.94
CA ASP A 6 6.46 -18.49 16.69
C ASP A 6 5.34 -19.44 16.27
N ALA A 7 4.25 -18.86 15.75
CA ALA A 7 3.07 -19.65 15.39
C ALA A 7 2.14 -18.86 14.48
N ASP A 8 1.37 -19.58 13.67
CA ASP A 8 0.33 -19.02 12.82
C ASP A 8 -1.04 -19.42 13.33
N THR A 9 -1.97 -18.47 13.38
CA THR A 9 -3.33 -18.74 13.81
C THR A 9 -4.28 -17.76 13.13
N THR A 10 -5.54 -18.19 12.94
CA THR A 10 -6.55 -17.34 12.31
C THR A 10 -6.89 -16.17 13.22
N LEU A 11 -6.60 -14.96 12.75
CA LEU A 11 -6.89 -13.76 13.50
C LEU A 11 -8.34 -13.34 13.25
N PHE A 12 -8.78 -12.35 14.03
CA PHE A 12 -10.04 -11.66 13.75
C PHE A 12 -9.76 -10.16 13.64
N CYS A 13 -10.78 -9.41 13.26
CA CYS A 13 -10.61 -7.98 13.00
C CYS A 13 -11.54 -7.14 13.86
N ALA A 14 -11.15 -5.88 14.07
CA ALA A 14 -11.92 -4.91 14.83
C ALA A 14 -11.81 -3.55 14.18
N SER A 15 -12.78 -2.67 14.47
CA SER A 15 -12.81 -1.37 13.81
C SER A 15 -13.87 -0.49 14.46
N ASP A 16 -13.79 0.81 14.12
CA ASP A 16 -14.79 1.80 14.49
C ASP A 16 -15.87 1.97 13.43
N ALA A 17 -16.16 0.92 12.67
CA ALA A 17 -17.20 0.95 11.65
C ALA A 17 -18.51 1.49 12.20
N LYS A 18 -19.14 2.39 11.46
CA LYS A 18 -20.42 2.97 11.86
C LYS A 18 -21.54 2.09 11.32
N ALA A 19 -22.40 1.60 12.22
CA ALA A 19 -23.46 0.67 11.81
C ALA A 19 -24.46 1.32 10.87
N TYR A 20 -24.60 2.64 10.93
CA TYR A 20 -25.56 3.37 10.10
C TYR A 20 -25.00 3.77 8.73
N GLU A 21 -23.75 3.43 8.42
CA GLU A 21 -23.13 3.89 7.18
C GLU A 21 -23.44 2.95 6.03
N THR A 22 -23.60 3.52 4.84
CA THR A 22 -23.69 2.73 3.62
C THR A 22 -22.35 2.62 2.89
N GLU A 23 -21.32 3.33 3.36
CA GLU A 23 -19.98 3.18 2.82
C GLU A 23 -19.52 1.73 2.98
N VAL A 24 -18.88 1.18 1.95
CA VAL A 24 -18.75 -0.26 1.84
C VAL A 24 -17.79 -0.84 2.88
N HIS A 25 -16.73 -0.11 3.21
CA HIS A 25 -15.83 -0.60 4.26
C HIS A 25 -16.54 -0.66 5.60
N ASN A 26 -17.41 0.31 5.87
CA ASN A 26 -18.18 0.31 7.11
C ASN A 26 -19.13 -0.87 7.17
N VAL A 27 -19.83 -1.13 6.06
CA VAL A 27 -20.74 -2.28 5.99
C VAL A 27 -19.97 -3.58 6.25
N TRP A 28 -18.87 -3.76 5.50
CA TRP A 28 -18.08 -4.98 5.62
C TRP A 28 -17.62 -5.20 7.04
N ALA A 29 -16.97 -4.18 7.64
CA ALA A 29 -16.44 -4.37 8.98
C ALA A 29 -17.54 -4.42 10.03
N THR A 30 -18.71 -3.87 9.74
CA THR A 30 -19.82 -3.98 10.70
C THR A 30 -20.25 -5.42 10.84
N HIS A 31 -20.33 -6.17 9.74
CA HIS A 31 -20.76 -7.55 9.88
C HIS A 31 -19.61 -8.57 9.92
N ALA A 32 -18.36 -8.15 9.75
CA ALA A 32 -17.25 -9.09 9.75
C ALA A 32 -16.16 -8.77 10.76
N CYS A 33 -16.26 -7.68 11.50
CA CYS A 33 -15.30 -7.36 12.54
C CYS A 33 -16.06 -7.03 13.83
N VAL A 34 -15.33 -7.02 14.94
CA VAL A 34 -15.88 -6.69 16.25
C VAL A 34 -15.51 -5.24 16.55
N PRO A 35 -16.04 -4.60 17.59
CA PRO A 35 -15.65 -3.21 17.85
C PRO A 35 -14.20 -3.11 18.32
N THR A 36 -13.62 -1.94 18.08
CA THR A 36 -12.26 -1.66 18.53
C THR A 36 -12.15 -1.82 20.04
N ASP A 37 -11.04 -2.45 20.48
CA ASP A 37 -10.68 -2.66 21.88
C ASP A 37 -10.93 -1.41 22.71
N PRO A 38 -11.89 -1.46 23.63
CA PRO A 38 -12.16 -0.28 24.47
C PRO A 38 -10.97 0.14 25.33
N ASN A 39 -10.06 -0.78 25.63
CA ASN A 39 -8.91 -0.48 26.49
C ASN A 39 -7.68 -1.24 25.99
N PRO A 40 -7.02 -0.72 24.96
CA PRO A 40 -5.79 -1.37 24.48
C PRO A 40 -4.65 -1.13 25.45
N GLN A 41 -3.85 -2.17 25.69
CA GLN A 41 -2.70 -2.08 26.59
C GLN A 41 -1.51 -2.75 25.90
N GLU A 42 -0.54 -1.95 25.48
CA GLU A 42 0.71 -2.44 24.92
C GLU A 42 1.72 -2.59 26.04
N ILE A 43 2.28 -3.79 26.19
CA ILE A 43 3.17 -4.11 27.30
C ILE A 43 4.60 -4.26 26.77
N HIS A 44 5.50 -3.45 27.33
CA HIS A 44 6.91 -3.55 27.00
C HIS A 44 7.52 -4.79 27.66
N LEU A 45 8.48 -5.39 26.99
CA LEU A 45 9.17 -6.58 27.45
C LEU A 45 10.59 -6.19 27.81
N GLU A 46 10.89 -6.13 29.12
CA GLU A 46 12.19 -5.67 29.58
C GLU A 46 13.30 -6.61 29.12
N ASN A 47 14.35 -6.04 28.52
CA ASN A 47 15.59 -6.77 28.17
C ASN A 47 15.32 -7.95 27.24
N VAL A 48 14.46 -7.76 26.24
CA VAL A 48 14.06 -8.84 25.35
C VAL A 48 14.41 -8.47 23.90
N THR A 49 14.99 -9.43 23.19
CA THR A 49 15.32 -9.29 21.78
C THR A 49 14.59 -10.38 21.01
N GLU A 50 13.87 -9.98 19.97
CA GLU A 50 13.04 -10.87 19.17
C GLU A 50 13.31 -10.61 17.70
N ASN A 51 13.42 -11.67 16.90
CA ASN A 51 13.67 -11.48 15.48
C ASN A 51 12.37 -11.53 14.69
N PHE A 52 12.32 -10.76 13.60
CA PHE A 52 11.15 -10.58 12.76
C PHE A 52 11.51 -10.83 11.30
N ASN A 53 10.48 -11.05 10.48
CA ASN A 53 10.65 -11.19 9.04
C ASN A 53 9.35 -10.79 8.36
N MET A 54 9.32 -9.59 7.78
CA MET A 54 8.10 -9.08 7.14
C MET A 54 7.77 -9.83 5.87
N TRP A 55 8.73 -10.53 5.27
CA TRP A 55 8.49 -11.23 4.03
C TRP A 55 7.96 -12.65 4.23
N LYS A 56 7.93 -13.13 5.47
CA LYS A 56 7.38 -14.43 5.82
C LYS A 56 6.45 -14.27 7.03
N ASN A 57 5.34 -13.58 6.81
CA ASN A 57 4.40 -13.21 7.85
C ASN A 57 2.99 -13.57 7.38
N ASN A 58 2.35 -14.50 8.09
CA ASN A 58 1.03 -15.01 7.67
C ASN A 58 -0.05 -13.95 7.80
N MET A 59 0.18 -12.94 8.64
CA MET A 59 -0.78 -11.85 8.77
C MET A 59 -1.03 -11.18 7.43
N VAL A 60 0.00 -11.11 6.60
CA VAL A 60 -0.14 -10.50 5.27
C VAL A 60 -1.18 -11.26 4.45
N GLU A 61 -1.08 -12.60 4.42
CA GLU A 61 -2.00 -13.38 3.60
C GLU A 61 -3.41 -13.33 4.16
N GLN A 62 -3.54 -13.32 5.49
CA GLN A 62 -4.87 -13.20 6.09
C GLN A 62 -5.52 -11.86 5.73
N MET A 63 -4.79 -10.75 5.90
CA MET A 63 -5.31 -9.45 5.50
C MET A 63 -5.63 -9.41 4.01
N HIS A 64 -4.77 -10.01 3.18
CA HIS A 64 -5.00 -10.01 1.75
C HIS A 64 -6.34 -10.67 1.41
N GLU A 65 -6.63 -11.82 2.02
CA GLU A 65 -7.91 -12.45 1.73
C GLU A 65 -9.08 -11.67 2.34
N ASP A 66 -8.88 -10.99 3.48
CA ASP A 66 -9.91 -10.07 3.97
C ASP A 66 -10.24 -9.02 2.93
N ILE A 67 -9.22 -8.43 2.32
CA ILE A 67 -9.47 -7.33 1.39
C ILE A 67 -10.11 -7.85 0.11
N ILE A 68 -9.74 -9.06 -0.32
CA ILE A 68 -10.40 -9.68 -1.46
C ILE A 68 -11.89 -9.88 -1.18
N SER A 69 -12.23 -10.38 0.01
CA SER A 69 -13.64 -10.59 0.36
C SER A 69 -14.39 -9.26 0.41
N LEU A 70 -13.76 -8.24 1.01
CA LEU A 70 -14.35 -6.91 1.01
C LEU A 70 -14.70 -6.46 -0.39
N TRP A 71 -13.75 -6.55 -1.33
CA TRP A 71 -14.00 -6.07 -2.68
C TRP A 71 -15.03 -6.92 -3.39
N ASP A 72 -15.04 -8.25 -3.13
CA ASP A 72 -16.03 -9.11 -3.77
C ASP A 72 -17.44 -8.76 -3.30
N GLN A 73 -17.59 -8.43 -2.02
CA GLN A 73 -18.92 -8.07 -1.53
C GLN A 73 -19.33 -6.66 -1.94
N SER A 74 -18.39 -5.74 -2.08
CA SER A 74 -18.73 -4.33 -2.16
C SER A 74 -18.94 -3.84 -3.59
N LEU A 75 -17.89 -3.94 -4.42
CA LEU A 75 -17.98 -3.41 -5.76
C LEU A 75 -18.96 -4.23 -6.59
N GLN A 76 -19.74 -3.54 -7.43
CA GLN A 76 -20.64 -4.20 -8.38
C GLN A 76 -20.37 -3.74 -9.80
N PRO A 77 -19.60 -4.51 -10.54
CA PRO A 77 -19.35 -4.20 -11.94
C PRO A 77 -20.62 -4.31 -12.76
N CYS A 78 -20.72 -3.44 -13.78
CA CYS A 78 -21.78 -3.61 -14.76
C CYS A 78 -21.71 -4.99 -15.40
N VAL A 79 -20.51 -5.43 -15.80
CA VAL A 79 -20.33 -6.82 -16.21
C VAL A 79 -18.96 -7.32 -15.74
N LYS A 80 -18.91 -8.58 -15.32
CA LYS A 80 -17.68 -9.22 -14.86
C LYS A 80 -17.28 -10.31 -15.84
N LEU A 81 -15.98 -10.42 -16.12
CA LEU A 81 -15.46 -11.31 -17.14
C LEU A 81 -14.49 -12.25 -16.43
N THR A 82 -15.01 -13.47 -16.15
CA THR A 82 -14.29 -14.53 -15.43
C THR A 82 -14.25 -15.75 -16.34
N GLY A 83 -13.08 -16.05 -16.86
CA GLY A 83 -12.85 -17.29 -17.58
C GLY A 83 -13.68 -17.38 -18.84
N GLY A 84 -14.33 -18.52 -19.00
CA GLY A 84 -15.20 -18.73 -20.14
C GLY A 84 -16.51 -18.04 -20.06
N SER A 85 -16.84 -17.45 -18.93
CA SER A 85 -18.10 -16.75 -19.00
C SER A 85 -18.05 -15.32 -18.50
N VAL A 86 -19.24 -14.76 -18.62
CA VAL A 86 -19.51 -13.35 -18.45
C VAL A 86 -20.73 -13.31 -17.55
N ILE A 87 -20.66 -12.55 -16.47
CA ILE A 87 -21.86 -12.42 -15.66
C ILE A 87 -22.24 -10.95 -15.46
N LYS A 88 -23.53 -10.70 -15.65
CA LYS A 88 -24.11 -9.39 -15.90
C LYS A 88 -25.09 -9.09 -14.78
N GLN A 89 -25.08 -7.87 -14.26
CA GLN A 89 -25.94 -7.57 -13.13
C GLN A 89 -26.14 -6.07 -13.07
N ALA A 90 -26.69 -5.61 -11.94
CA ALA A 90 -26.86 -4.20 -11.68
C ALA A 90 -25.54 -3.60 -11.21
N CYS A 91 -25.31 -2.34 -11.58
CA CYS A 91 -24.07 -1.65 -11.22
C CYS A 91 -24.36 -0.21 -10.79
N PRO A 92 -24.88 -0.01 -9.58
CA PRO A 92 -25.07 1.35 -9.08
C PRO A 92 -23.80 1.86 -8.41
N LYS A 93 -23.70 3.19 -8.34
CA LYS A 93 -22.53 3.80 -7.73
C LYS A 93 -22.56 3.62 -6.21
N ILE A 94 -21.41 3.32 -5.63
CA ILE A 94 -21.31 3.04 -4.21
C ILE A 94 -20.57 4.17 -3.51
N SER A 95 -20.52 4.09 -2.20
CA SER A 95 -19.74 5.00 -1.38
C SER A 95 -18.49 4.23 -0.91
N PHE A 96 -17.32 4.70 -1.31
CA PHE A 96 -16.05 4.01 -1.11
C PHE A 96 -15.10 4.96 -0.37
N ASP A 97 -14.65 4.53 0.81
CA ASP A 97 -13.66 5.28 1.60
C ASP A 97 -13.13 4.39 2.70
N PRO A 98 -11.89 3.90 2.56
CA PRO A 98 -11.39 2.89 3.50
C PRO A 98 -11.25 3.40 4.92
N ILE A 99 -11.44 2.50 5.87
CA ILE A 99 -11.32 2.80 7.29
C ILE A 99 -10.23 1.92 7.87
N PRO A 100 -9.62 2.32 9.00
CA PRO A 100 -8.59 1.47 9.62
C PRO A 100 -9.18 0.17 10.14
N ILE A 101 -8.44 -0.92 9.94
CA ILE A 101 -8.84 -2.26 10.39
C ILE A 101 -7.76 -2.82 11.31
N HIS A 102 -8.15 -3.15 12.53
CA HIS A 102 -7.25 -3.76 13.51
C HIS A 102 -7.30 -5.28 13.39
N TYR A 103 -6.14 -5.92 13.52
CA TYR A 103 -6.03 -7.38 13.49
C TYR A 103 -5.60 -7.88 14.85
N CYS A 104 -6.33 -8.89 15.35
CA CYS A 104 -6.25 -9.35 16.73
C CYS A 104 -6.16 -10.87 16.78
N THR A 105 -5.43 -11.37 17.77
CA THR A 105 -5.20 -12.79 18.00
C THR A 105 -6.29 -13.37 18.90
N PRO A 106 -6.60 -14.65 18.73
CA PRO A 106 -7.49 -15.31 19.69
C PRO A 106 -6.75 -15.70 20.98
N ALA A 107 -7.43 -16.44 21.86
CA ALA A 107 -6.87 -16.74 23.17
C ALA A 107 -5.62 -17.61 23.06
N GLY A 108 -4.67 -17.38 23.95
CA GLY A 108 -3.42 -18.10 23.91
C GLY A 108 -2.43 -17.60 22.89
N TYR A 109 -2.70 -16.45 22.27
CA TYR A 109 -1.78 -15.87 21.28
C TYR A 109 -1.64 -14.38 21.56
N VAL A 110 -0.50 -13.82 21.15
CA VAL A 110 -0.30 -12.38 21.22
C VAL A 110 0.42 -11.91 19.97
N ILE A 111 0.37 -10.60 19.73
CA ILE A 111 1.12 -9.96 18.67
C ILE A 111 2.33 -9.31 19.31
N LEU A 112 3.52 -9.61 18.79
CA LEU A 112 4.71 -8.86 19.17
C LEU A 112 4.94 -7.75 18.15
N LYS A 113 5.43 -6.62 18.65
CA LYS A 113 5.58 -5.40 17.88
C LYS A 113 6.99 -4.88 18.06
N CYS A 114 7.67 -4.65 16.94
CA CYS A 114 9.02 -4.10 16.95
C CYS A 114 8.95 -2.59 17.04
N ASN A 115 9.61 -2.02 18.04
CA ASN A 115 9.61 -0.58 18.25
C ASN A 115 10.94 0.08 17.95
N ASP A 116 11.87 -0.62 17.30
CA ASP A 116 13.14 0.00 16.95
C ASP A 116 12.96 0.87 15.71
N LYS A 117 13.33 2.15 15.84
CA LYS A 117 12.85 3.17 14.91
C LYS A 117 13.30 2.89 13.48
N ASN A 118 14.50 2.37 13.30
CA ASN A 118 15.08 2.16 11.98
C ASN A 118 15.14 0.67 11.63
N PHE A 119 14.12 -0.07 12.08
CA PHE A 119 14.01 -1.50 11.80
C PHE A 119 13.64 -1.71 10.34
N ASN A 120 14.47 -2.46 9.62
CA ASN A 120 14.30 -2.54 8.18
C ASN A 120 13.30 -3.60 7.75
N GLY A 121 12.85 -4.46 8.66
CA GLY A 121 11.83 -5.47 8.37
C GLY A 121 12.28 -6.91 8.56
N THR A 122 13.59 -7.18 8.48
CA THR A 122 14.11 -8.52 8.72
C THR A 122 15.25 -8.43 9.72
N GLY A 123 15.25 -9.31 10.72
CA GLY A 123 16.33 -9.36 11.67
C GLY A 123 15.89 -9.13 13.11
N PRO A 124 16.86 -8.94 14.00
CA PRO A 124 16.52 -8.78 15.42
C PRO A 124 15.92 -7.42 15.69
N CYS A 125 15.16 -7.36 16.78
CA CYS A 125 14.56 -6.15 17.30
C CYS A 125 14.78 -6.14 18.80
N LYS A 126 15.30 -5.01 19.32
CA LYS A 126 15.73 -4.89 20.70
C LYS A 126 14.71 -4.19 21.60
N ASN A 127 13.75 -3.48 21.02
CA ASN A 127 12.69 -2.75 21.72
C ASN A 127 11.36 -3.37 21.28
N VAL A 128 10.95 -4.42 21.97
CA VAL A 128 9.80 -5.22 21.59
C VAL A 128 8.71 -5.04 22.63
N SER A 129 7.46 -4.92 22.15
CA SER A 129 6.32 -4.88 23.02
C SER A 129 5.33 -5.95 22.59
N SER A 130 4.34 -6.21 23.44
CA SER A 130 3.27 -7.15 23.13
C SER A 130 1.95 -6.40 23.11
N VAL A 131 1.17 -6.61 22.05
CA VAL A 131 -0.17 -6.07 21.92
C VAL A 131 -1.14 -7.21 21.65
N GLN A 132 -2.43 -6.90 21.86
CA GLN A 132 -3.53 -7.79 21.51
C GLN A 132 -4.08 -7.54 20.12
N CYS A 133 -3.99 -6.31 19.61
CA CYS A 133 -4.41 -5.99 18.25
C CYS A 133 -3.37 -5.07 17.64
N THR A 134 -3.21 -5.16 16.31
CA THR A 134 -2.47 -4.14 15.60
C THR A 134 -3.16 -2.79 15.73
N HIS A 135 -2.47 -1.74 15.31
CA HIS A 135 -3.10 -0.45 15.09
C HIS A 135 -4.00 -0.52 13.87
N GLY A 136 -4.88 0.47 13.74
CA GLY A 136 -5.78 0.54 12.62
C GLY A 136 -5.05 0.74 11.30
N ILE A 137 -5.16 -0.22 10.39
CA ILE A 137 -4.50 -0.15 9.09
C ILE A 137 -5.55 0.05 8.02
N LYS A 138 -5.34 1.05 7.18
CA LYS A 138 -6.22 1.31 6.06
C LYS A 138 -5.87 0.39 4.89
N PRO A 139 -6.81 -0.41 4.39
CA PRO A 139 -6.54 -1.27 3.20
C PRO A 139 -6.58 -0.53 1.87
N VAL A 140 -5.55 0.26 1.59
CA VAL A 140 -5.51 1.12 0.41
C VAL A 140 -4.92 0.34 -0.76
N VAL A 141 -5.74 0.05 -1.76
CA VAL A 141 -5.32 -0.64 -2.97
C VAL A 141 -4.70 0.38 -3.92
N SER A 142 -3.47 0.13 -4.34
CA SER A 142 -2.70 1.12 -5.09
C SER A 142 -1.64 0.41 -5.92
N THR A 143 -0.99 1.17 -6.79
CA THR A 143 0.22 0.75 -7.50
C THR A 143 1.23 1.88 -7.47
N GLN A 144 2.49 1.52 -7.70
CA GLN A 144 3.59 2.49 -7.71
C GLN A 144 3.76 3.24 -6.39
N LEU A 145 2.71 3.95 -5.94
CA LEU A 145 2.79 4.74 -4.72
C LEU A 145 1.88 4.16 -3.64
N LEU A 146 2.42 4.09 -2.42
CA LEU A 146 1.65 3.71 -1.25
C LEU A 146 1.03 4.96 -0.65
N LEU A 147 -0.27 4.90 -0.39
CA LEU A 147 -1.06 6.05 -0.01
C LEU A 147 -1.69 5.84 1.35
N ASN A 148 -1.75 6.94 2.13
CA ASN A 148 -2.49 7.00 3.39
C ASN A 148 -1.96 5.99 4.41
N GLY A 149 -0.69 5.62 4.31
CA GLY A 149 -0.06 4.74 5.26
C GLY A 149 0.56 5.48 6.42
N SER A 150 1.33 4.75 7.21
CA SER A 150 2.11 5.31 8.30
C SER A 150 3.48 5.73 7.77
N LEU A 151 4.20 6.48 8.59
CA LEU A 151 5.50 7.01 8.22
C LEU A 151 6.61 6.34 9.01
N ALA A 152 7.77 6.20 8.37
CA ALA A 152 8.99 5.87 9.08
C ALA A 152 9.35 7.02 10.00
N GLU A 153 9.74 6.71 11.24
CA GLU A 153 9.83 7.74 12.26
C GLU A 153 11.18 8.44 12.28
N GLU A 154 12.24 7.82 11.76
CA GLU A 154 13.55 8.45 11.79
C GLU A 154 14.06 8.76 10.39
N GLU A 155 14.80 7.84 9.80
CA GLU A 155 15.29 7.97 8.43
C GLU A 155 14.38 7.21 7.49
N ILE A 156 14.49 7.54 6.19
CA ILE A 156 13.81 6.75 5.18
C ILE A 156 14.39 5.35 5.17
N ILE A 157 13.52 4.34 5.12
CA ILE A 157 13.95 2.96 5.23
C ILE A 157 13.69 2.23 3.92
N ILE A 158 14.65 1.41 3.51
CA ILE A 158 14.53 0.55 2.33
C ILE A 158 14.24 -0.85 2.83
N ARG A 159 13.16 -1.44 2.35
CA ARG A 159 12.74 -2.78 2.76
C ARG A 159 12.76 -3.70 1.56
N SER A 160 13.41 -4.85 1.73
CA SER A 160 13.46 -5.83 0.66
C SER A 160 13.78 -7.19 1.26
N GLU A 161 13.25 -8.23 0.60
CA GLU A 161 13.62 -9.59 1.00
C GLU A 161 15.11 -9.85 0.74
N ASN A 162 15.63 -9.30 -0.34
CA ASN A 162 16.98 -9.60 -0.79
C ASN A 162 17.39 -8.57 -1.82
N LEU A 163 18.05 -7.49 -1.38
CA LEU A 163 18.37 -6.36 -2.27
C LEU A 163 19.14 -6.80 -3.50
N THR A 164 19.95 -7.87 -3.40
CA THR A 164 20.74 -8.28 -4.55
C THR A 164 19.92 -9.02 -5.61
N ASN A 165 18.70 -9.44 -5.28
CA ASN A 165 17.83 -10.08 -6.26
C ASN A 165 16.93 -9.02 -6.89
N ASN A 166 17.09 -8.80 -8.20
CA ASN A 166 16.34 -7.76 -8.88
C ASN A 166 14.87 -8.10 -9.05
N ALA A 167 14.49 -9.36 -8.89
CA ALA A 167 13.09 -9.74 -9.05
C ALA A 167 12.23 -9.39 -7.85
N LYS A 168 12.82 -9.24 -6.66
CA LYS A 168 12.04 -8.92 -5.49
C LYS A 168 11.67 -7.45 -5.50
N THR A 169 10.52 -7.14 -4.91
CA THR A 169 10.05 -5.77 -4.83
C THR A 169 10.76 -5.04 -3.70
N ILE A 170 11.00 -3.74 -3.91
CA ILE A 170 11.56 -2.86 -2.89
C ILE A 170 10.46 -1.94 -2.40
N ILE A 171 10.34 -1.82 -1.08
CA ILE A 171 9.41 -0.90 -0.43
C ILE A 171 10.23 0.23 0.15
N VAL A 172 10.03 1.45 -0.33
CA VAL A 172 10.61 2.63 0.27
C VAL A 172 9.59 3.18 1.26
N HIS A 173 9.97 3.23 2.55
CA HIS A 173 9.16 3.76 3.63
C HIS A 173 9.66 5.18 3.94
N LEU A 174 8.84 6.16 3.58
CA LEU A 174 9.17 7.57 3.71
C LEU A 174 9.04 8.03 5.15
N ASN A 175 9.84 9.03 5.53
CA ASN A 175 9.68 9.69 6.81
C ASN A 175 8.93 11.02 6.70
N LYS A 176 8.49 11.40 5.50
CA LYS A 176 7.81 12.67 5.28
C LYS A 176 6.71 12.47 4.24
N SER A 177 5.46 12.69 4.64
CA SER A 177 4.34 12.63 3.71
C SER A 177 4.57 13.60 2.56
N VAL A 178 4.18 13.21 1.35
CA VAL A 178 4.08 14.18 0.26
C VAL A 178 2.67 14.08 -0.32
N GLU A 179 1.97 15.21 -0.37
CA GLU A 179 0.56 15.21 -0.72
C GLU A 179 0.37 15.01 -2.22
N ILE A 180 -0.62 14.20 -2.58
CA ILE A 180 -1.05 14.05 -3.96
C ILE A 180 -2.55 14.36 -3.99
N ASN A 181 -2.93 15.37 -4.76
CA ASN A 181 -4.27 15.93 -4.71
C ASN A 181 -4.89 15.71 -6.09
N CYS A 182 -5.79 14.75 -6.20
CA CYS A 182 -6.30 14.28 -7.48
C CYS A 182 -7.75 14.72 -7.67
N THR A 183 -8.02 15.36 -8.79
CA THR A 183 -9.38 15.80 -9.06
C THR A 183 -9.76 15.61 -10.53
N ARG A 184 -11.02 15.23 -10.71
CA ARG A 184 -11.75 15.23 -11.98
C ARG A 184 -12.73 16.38 -11.89
N PRO A 185 -12.54 17.45 -12.67
CA PRO A 185 -13.38 18.65 -12.51
C PRO A 185 -14.77 18.48 -13.11
N SER A 186 -15.59 19.48 -12.84
CA SER A 186 -16.96 19.52 -13.33
C SER A 186 -17.10 20.46 -14.53
N ASP A 195 -14.17 15.32 -22.23
CA ASP A 195 -14.10 13.98 -21.69
C ASP A 195 -14.41 14.00 -20.19
N ILE A 196 -15.47 13.29 -19.80
CA ILE A 196 -15.76 13.20 -18.38
C ILE A 196 -14.71 12.36 -17.65
N ARG A 197 -13.94 11.54 -18.36
CA ARG A 197 -12.98 10.65 -17.69
C ARG A 197 -11.61 11.28 -17.52
N LYS A 198 -11.31 12.40 -18.17
CA LYS A 198 -9.99 13.00 -18.01
C LYS A 198 -9.92 13.74 -16.67
N ALA A 199 -8.82 13.52 -15.94
CA ALA A 199 -8.62 14.08 -14.62
C ALA A 199 -7.13 14.40 -14.45
N TYR A 200 -6.75 14.82 -13.25
CA TYR A 200 -5.34 15.10 -13.03
C TYR A 200 -5.01 15.03 -11.54
N CYS A 201 -3.71 14.94 -11.24
CA CYS A 201 -3.20 14.92 -9.87
C CYS A 201 -2.14 16.01 -9.70
N GLU A 202 -2.25 16.80 -8.64
CA GLU A 202 -1.31 17.86 -8.35
C GLU A 202 -0.40 17.45 -7.19
N ILE A 203 0.91 17.66 -7.36
CA ILE A 203 1.92 17.32 -6.37
C ILE A 203 2.88 18.49 -6.24
N ASN A 204 3.36 18.74 -5.02
CA ASN A 204 4.34 19.80 -4.81
C ASN A 204 5.68 19.37 -5.36
N GLY A 205 6.16 20.08 -6.38
CA GLY A 205 7.42 19.73 -7.01
C GLY A 205 8.61 19.88 -6.09
N THR A 206 8.67 21.01 -5.38
CA THR A 206 9.75 21.24 -4.41
C THR A 206 9.87 20.07 -3.44
N LYS A 207 8.79 19.79 -2.73
CA LYS A 207 8.80 18.78 -1.69
C LYS A 207 9.08 17.39 -2.27
N TRP A 208 8.44 17.06 -3.40
CA TRP A 208 8.64 15.75 -4.00
C TRP A 208 10.08 15.55 -4.44
N ASN A 209 10.68 16.57 -5.05
CA ASN A 209 12.05 16.41 -5.52
C ASN A 209 13.03 16.30 -4.36
N LYS A 210 12.76 17.01 -3.26
CA LYS A 210 13.56 16.81 -2.06
C LYS A 210 13.46 15.38 -1.55
N VAL A 211 12.23 14.85 -1.45
CA VAL A 211 12.08 13.49 -0.93
C VAL A 211 12.72 12.47 -1.86
N LEU A 212 12.58 12.68 -3.18
CA LEU A 212 13.16 11.75 -4.14
C LEU A 212 14.69 11.80 -4.11
N LYS A 213 15.25 12.99 -3.89
CA LYS A 213 16.70 13.10 -3.66
C LYS A 213 17.10 12.29 -2.44
N GLN A 214 16.30 12.35 -1.38
CA GLN A 214 16.62 11.57 -0.19
C GLN A 214 16.54 10.07 -0.49
N VAL A 215 15.54 9.65 -1.26
CA VAL A 215 15.46 8.24 -1.61
C VAL A 215 16.70 7.83 -2.41
N THR A 216 17.21 8.72 -3.25
CA THR A 216 18.42 8.39 -4.00
C THR A 216 19.63 8.28 -3.08
N GLU A 217 19.75 9.17 -2.08
CA GLU A 217 20.87 9.04 -1.15
C GLU A 217 20.80 7.71 -0.40
N LYS A 218 19.60 7.30 0.01
CA LYS A 218 19.49 6.02 0.71
C LYS A 218 19.82 4.83 -0.19
N LEU A 219 19.29 4.82 -1.42
CA LEU A 219 19.58 3.73 -2.34
C LEU A 219 21.07 3.66 -2.63
N LYS A 220 21.73 4.82 -2.78
CA LYS A 220 23.18 4.84 -2.90
C LYS A 220 23.85 4.18 -1.70
N GLU A 221 23.34 4.44 -0.50
CA GLU A 221 23.88 3.76 0.66
C GLU A 221 23.81 2.24 0.50
N HIS A 222 22.71 1.74 -0.06
CA HIS A 222 22.58 0.28 -0.14
C HIS A 222 23.25 -0.35 -1.35
N PHE A 223 23.63 0.44 -2.35
CA PHE A 223 24.11 -0.14 -3.60
C PHE A 223 25.52 0.36 -3.91
N ASN A 224 26.39 0.31 -2.90
CA ASN A 224 27.82 0.59 -3.01
C ASN A 224 28.08 1.88 -3.78
N ASN A 225 27.31 2.92 -3.46
CA ASN A 225 27.55 4.28 -3.94
C ASN A 225 27.52 4.40 -5.47
N LYS A 226 26.62 3.66 -6.10
CA LYS A 226 26.48 3.65 -7.53
C LYS A 226 25.49 4.74 -7.94
N THR A 227 25.52 5.14 -9.21
CA THR A 227 24.60 6.18 -9.66
C THR A 227 23.19 5.62 -9.71
N ILE A 228 22.27 6.29 -9.02
CA ILE A 228 20.87 5.88 -8.95
C ILE A 228 20.09 6.64 -9.99
N ILE A 229 19.37 5.93 -10.85
CA ILE A 229 18.58 6.51 -11.91
C ILE A 229 17.15 5.99 -11.83
N PHE A 230 16.20 6.90 -12.01
CA PHE A 230 14.79 6.52 -12.06
C PHE A 230 14.31 6.52 -13.50
N GLN A 231 13.46 5.55 -13.83
CA GLN A 231 12.93 5.36 -15.17
C GLN A 231 11.48 4.94 -15.06
N PRO A 232 10.66 5.20 -16.08
CA PRO A 232 9.26 4.76 -16.05
C PRO A 232 9.17 3.26 -16.29
N PRO A 233 8.02 2.64 -15.99
CA PRO A 233 7.88 1.19 -16.20
C PRO A 233 8.06 0.81 -17.67
N SER A 234 8.57 -0.41 -17.89
CA SER A 234 8.92 -0.88 -19.24
C SER A 234 7.80 -1.74 -19.79
N GLY A 235 6.67 -1.09 -20.08
CA GLY A 235 5.53 -1.78 -20.63
C GLY A 235 4.81 -2.61 -19.58
N GLY A 236 3.82 -3.34 -20.06
CA GLY A 236 2.89 -4.07 -19.21
C GLY A 236 1.51 -3.43 -19.28
N ASP A 237 0.61 -4.00 -18.48
CA ASP A 237 -0.75 -3.49 -18.47
C ASP A 237 -0.79 -2.15 -17.73
N LEU A 238 -1.84 -1.38 -18.02
CA LEU A 238 -1.89 0.00 -17.55
C LEU A 238 -1.91 0.08 -16.04
N GLU A 239 -2.35 -0.98 -15.36
CA GLU A 239 -2.38 -0.94 -13.90
C GLU A 239 -0.97 -0.87 -13.31
N ILE A 240 0.03 -1.39 -14.01
CA ILE A 240 1.41 -1.26 -13.56
C ILE A 240 2.11 -0.06 -14.19
N THR A 241 1.79 0.29 -15.44
CA THR A 241 2.49 1.41 -16.04
C THR A 241 2.01 2.73 -15.46
N MET A 242 0.78 2.77 -14.94
CA MET A 242 0.23 3.97 -14.32
C MET A 242 0.15 3.77 -12.82
N HIS A 243 0.23 4.88 -12.09
CA HIS A 243 -0.19 4.90 -10.68
C HIS A 243 -1.71 4.73 -10.66
N THR A 244 -2.17 3.59 -10.19
CA THR A 244 -3.58 3.25 -10.20
C THR A 244 -4.12 3.25 -8.78
N PHE A 245 -5.30 3.84 -8.61
CA PHE A 245 -5.92 3.86 -7.29
C PHE A 245 -7.42 4.06 -7.46
N ASN A 246 -8.15 3.99 -6.35
CA ASN A 246 -9.59 4.21 -6.34
C ASN A 246 -9.91 5.42 -5.47
N CYS A 247 -10.61 6.39 -6.06
CA CYS A 247 -11.06 7.61 -5.40
C CYS A 247 -12.58 7.61 -5.43
N ARG A 248 -13.20 7.40 -4.26
CA ARG A 248 -14.65 7.45 -4.08
C ARG A 248 -15.38 6.65 -5.16
N GLY A 249 -14.91 5.42 -5.36
CA GLY A 249 -15.52 4.49 -6.29
C GLY A 249 -14.92 4.49 -7.68
N GLU A 250 -14.19 5.54 -8.07
CA GLU A 250 -13.69 5.65 -9.43
C GLU A 250 -12.25 5.18 -9.52
N PHE A 251 -11.93 4.46 -10.60
CA PHE A 251 -10.58 3.94 -10.80
C PHE A 251 -9.76 4.93 -11.60
N PHE A 252 -8.79 5.55 -10.94
CA PHE A 252 -7.87 6.50 -11.53
C PHE A 252 -6.61 5.79 -12.02
N TYR A 253 -6.21 6.13 -13.26
CA TYR A 253 -4.92 5.74 -13.83
C TYR A 253 -4.16 7.02 -14.11
N CYS A 254 -3.03 7.23 -13.43
CA CYS A 254 -2.28 8.48 -13.57
C CYS A 254 -0.88 8.20 -14.10
N ASN A 255 -0.41 9.09 -14.96
CA ASN A 255 0.91 9.00 -15.56
C ASN A 255 1.92 9.65 -14.63
N THR A 256 2.90 8.85 -14.16
CA THR A 256 3.90 9.33 -13.21
C THR A 256 5.27 9.53 -13.87
N THR A 257 5.32 9.72 -15.18
CA THR A 257 6.59 9.99 -15.84
C THR A 257 7.27 11.23 -15.25
N GLN A 258 6.49 12.27 -14.96
CA GLN A 258 7.07 13.49 -14.42
C GLN A 258 7.65 13.28 -13.03
N LEU A 259 7.14 12.28 -12.29
CA LEU A 259 7.68 12.03 -10.97
C LEU A 259 8.99 11.25 -11.01
N PHE A 260 9.24 10.47 -12.06
CA PHE A 260 10.40 9.60 -12.09
C PHE A 260 11.35 9.92 -13.24
N ASN A 261 11.45 11.20 -13.59
CA ASN A 261 12.57 11.73 -14.37
C ASN A 261 13.68 12.18 -13.44
N ASN A 262 14.90 12.23 -13.96
CA ASN A 262 16.06 12.49 -13.14
C ASN A 262 16.59 13.92 -13.23
N THR A 263 16.00 14.79 -14.05
CA THR A 263 16.61 16.09 -14.26
C THR A 263 16.51 16.96 -13.02
N CYS A 264 15.40 16.85 -12.31
CA CYS A 264 15.29 17.63 -11.10
C CYS A 264 15.60 16.80 -9.89
N ILE A 265 16.31 15.71 -10.15
CA ILE A 265 16.98 14.94 -9.13
C ILE A 265 18.40 15.48 -8.91
N GLY A 272 12.87 24.91 -14.21
CA GLY A 272 11.66 25.22 -13.49
C GLY A 272 11.06 24.02 -12.77
N CYS A 273 11.87 23.34 -11.96
CA CYS A 273 11.43 22.14 -11.25
C CYS A 273 11.17 22.40 -9.77
N ASN A 274 10.69 23.58 -9.43
CA ASN A 274 10.27 23.80 -8.05
C ASN A 274 8.85 24.34 -8.01
N GLY A 275 8.08 24.15 -9.06
CA GLY A 275 6.67 24.49 -9.11
C GLY A 275 5.78 23.34 -8.70
N THR A 276 4.58 23.32 -9.28
CA THR A 276 3.61 22.25 -9.06
C THR A 276 3.65 21.29 -10.23
N ILE A 277 3.77 19.99 -9.94
CA ILE A 277 3.71 18.96 -10.96
C ILE A 277 2.26 18.54 -11.12
N THR A 278 1.80 18.52 -12.37
CA THR A 278 0.44 18.13 -12.70
C THR A 278 0.50 16.89 -13.58
N LEU A 279 0.10 15.76 -13.04
CA LEU A 279 0.07 14.42 -13.60
C LEU A 279 -1.25 14.21 -14.34
N PRO A 280 -1.23 13.81 -15.61
CA PRO A 280 -2.47 13.56 -16.35
C PRO A 280 -3.05 12.20 -16.00
N CYS A 281 -4.35 12.16 -15.68
CA CYS A 281 -5.01 10.93 -15.29
C CYS A 281 -6.23 10.70 -16.14
N LYS A 282 -6.68 9.44 -16.13
CA LYS A 282 -7.92 9.06 -16.79
C LYS A 282 -8.68 8.11 -15.87
N ILE A 283 -9.98 8.35 -15.74
CA ILE A 283 -10.86 7.43 -15.05
C ILE A 283 -11.27 6.34 -16.04
N LYS A 284 -10.99 5.10 -15.70
CA LYS A 284 -11.28 3.98 -16.57
C LYS A 284 -12.47 3.20 -16.03
N GLN A 285 -13.39 2.84 -16.94
CA GLN A 285 -14.52 1.98 -16.61
C GLN A 285 -14.15 0.51 -16.68
N ILE A 286 -13.23 0.13 -17.56
CA ILE A 286 -12.86 -1.27 -17.77
C ILE A 286 -11.47 -1.49 -17.19
N ILE A 287 -11.38 -2.38 -16.21
CA ILE A 287 -10.11 -2.60 -15.52
C ILE A 287 -9.78 -4.08 -15.48
N ASN A 288 -8.48 -4.36 -15.36
CA ASN A 288 -7.99 -5.67 -14.97
C ASN A 288 -7.95 -5.71 -13.44
N MET A 289 -8.74 -6.60 -12.86
CA MET A 289 -8.86 -6.67 -11.41
C MET A 289 -7.54 -7.09 -10.77
N TRP A 290 -7.16 -6.38 -9.70
CA TRP A 290 -5.98 -6.75 -8.94
C TRP A 290 -6.12 -8.12 -8.29
N GLN A 291 -7.31 -8.69 -8.30
CA GLN A 291 -7.53 -10.04 -7.79
C GLN A 291 -6.92 -11.11 -8.69
N GLY A 292 -6.45 -10.75 -9.89
CA GLY A 292 -6.04 -11.72 -10.87
C GLY A 292 -7.17 -12.43 -11.60
N THR A 293 -8.42 -12.13 -11.26
CA THR A 293 -9.57 -12.88 -11.74
C THR A 293 -10.09 -12.41 -13.09
N GLY A 294 -9.50 -11.36 -13.67
CA GLY A 294 -9.80 -10.98 -15.04
C GLY A 294 -10.35 -9.56 -15.12
N GLN A 295 -11.42 -9.40 -15.90
CA GLN A 295 -11.79 -8.06 -16.35
C GLN A 295 -13.11 -7.65 -15.73
N ALA A 296 -13.23 -6.35 -15.42
CA ALA A 296 -14.47 -5.83 -14.85
C ALA A 296 -14.84 -4.53 -15.55
N MET A 297 -16.14 -4.34 -15.77
CA MET A 297 -16.67 -3.13 -16.37
C MET A 297 -17.66 -2.47 -15.41
N TYR A 298 -17.41 -1.19 -15.12
CA TYR A 298 -18.13 -0.29 -14.22
C TYR A 298 -18.90 0.73 -15.04
N ALA A 299 -19.69 1.54 -14.34
CA ALA A 299 -20.48 2.59 -14.95
C ALA A 299 -19.68 3.88 -15.04
N PRO A 300 -20.14 4.84 -15.84
CA PRO A 300 -19.43 6.15 -15.93
C PRO A 300 -19.35 6.84 -14.59
N PRO A 301 -18.40 7.76 -14.43
CA PRO A 301 -18.18 8.39 -13.11
C PRO A 301 -19.32 9.30 -12.70
N ILE A 302 -19.38 9.59 -11.39
CA ILE A 302 -20.41 10.47 -10.88
C ILE A 302 -20.23 11.88 -11.43
N ASP A 303 -21.35 12.56 -11.69
CA ASP A 303 -21.29 13.93 -12.18
C ASP A 303 -20.57 14.82 -11.17
N GLY A 304 -19.94 15.86 -11.69
CA GLY A 304 -19.35 16.87 -10.84
C GLY A 304 -17.92 16.60 -10.43
N LYS A 305 -17.53 17.29 -9.37
CA LYS A 305 -16.15 17.27 -8.90
C LYS A 305 -15.87 15.98 -8.15
N ILE A 306 -14.90 15.20 -8.63
CA ILE A 306 -14.41 14.00 -7.93
C ILE A 306 -13.02 14.33 -7.41
N ASN A 307 -12.85 14.38 -6.08
CA ASN A 307 -11.59 14.82 -5.50
C ASN A 307 -11.14 13.92 -4.36
N CYS A 308 -9.83 13.63 -4.33
CA CYS A 308 -9.20 12.91 -3.23
C CYS A 308 -7.83 13.50 -2.94
N VAL A 309 -7.58 13.80 -1.67
CA VAL A 309 -6.29 14.30 -1.21
C VAL A 309 -5.66 13.20 -0.39
N SER A 310 -4.49 12.72 -0.82
CA SER A 310 -3.87 11.56 -0.22
C SER A 310 -2.44 11.90 0.19
N ASN A 311 -1.93 11.12 1.13
CA ASN A 311 -0.54 11.16 1.54
C ASN A 311 0.21 10.06 0.80
N ILE A 312 1.20 10.43 -0.02
CA ILE A 312 2.22 9.49 -0.45
C ILE A 312 3.11 9.24 0.76
N THR A 313 3.05 7.99 1.28
CA THR A 313 3.91 7.57 2.39
C THR A 313 4.88 6.47 2.01
N GLY A 314 4.81 5.92 0.80
CA GLY A 314 5.72 4.87 0.41
C GLY A 314 5.82 4.78 -1.10
N ILE A 315 6.84 4.06 -1.55
CA ILE A 315 7.06 3.85 -2.98
C ILE A 315 7.43 2.39 -3.23
N LEU A 316 6.78 1.78 -4.21
CA LEU A 316 7.14 0.44 -4.66
C LEU A 316 8.08 0.56 -5.86
N LEU A 317 9.22 -0.14 -5.79
CA LEU A 317 10.24 -0.03 -6.83
C LEU A 317 10.76 -1.41 -7.25
N THR A 318 10.88 -1.59 -8.55
CA THR A 318 11.54 -2.75 -9.13
C THR A 318 12.82 -2.28 -9.83
N ARG A 319 13.90 -3.01 -9.62
CA ARG A 319 15.22 -2.61 -10.11
C ARG A 319 15.58 -3.42 -11.34
N ASP A 320 16.08 -2.72 -12.36
CA ASP A 320 16.54 -3.36 -13.58
C ASP A 320 17.63 -4.39 -13.29
N GLY A 321 17.58 -5.51 -13.99
CA GLY A 321 18.66 -6.47 -13.99
C GLY A 321 19.67 -6.17 -15.07
N GLY A 322 20.70 -7.02 -15.13
CA GLY A 322 21.67 -7.00 -16.20
C GLY A 322 22.68 -5.86 -16.17
N ALA A 323 22.70 -5.05 -15.11
CA ALA A 323 23.64 -3.93 -15.00
C ALA A 323 24.72 -4.20 -13.96
N ASN A 324 25.09 -5.46 -13.76
CA ASN A 324 26.12 -5.80 -12.79
C ASN A 324 27.47 -5.21 -13.21
N ASN A 325 27.74 -5.19 -14.52
CA ASN A 325 28.98 -4.66 -15.08
C ASN A 325 28.89 -3.18 -15.45
N THR A 326 27.95 -2.44 -14.87
CA THR A 326 27.82 -1.01 -15.15
C THR A 326 27.95 -0.21 -13.87
N SER A 327 28.04 1.12 -14.04
CA SER A 327 28.14 2.02 -12.90
C SER A 327 26.79 2.54 -12.44
N ASN A 328 25.70 2.00 -12.99
CA ASN A 328 24.37 2.48 -12.67
C ASN A 328 23.49 1.35 -12.15
N GLU A 329 22.46 1.76 -11.41
CA GLU A 329 21.32 0.91 -11.09
C GLU A 329 20.09 1.74 -11.39
N THR A 330 19.15 1.19 -12.14
CA THR A 330 17.98 1.94 -12.57
C THR A 330 16.73 1.30 -11.99
N PHE A 331 15.84 2.14 -11.43
CA PHE A 331 14.67 1.72 -10.69
C PHE A 331 13.41 2.26 -11.35
N ARG A 332 12.32 1.50 -11.23
CA ARG A 332 11.07 1.88 -11.87
C ARG A 332 9.92 1.57 -10.91
N PRO A 333 8.90 2.43 -10.86
CA PRO A 333 7.76 2.16 -9.98
C PRO A 333 7.08 0.86 -10.37
N GLY A 334 6.72 0.08 -9.36
CA GLY A 334 6.27 -1.28 -9.58
C GLY A 334 4.90 -1.50 -8.97
N GLY A 335 4.74 -2.67 -8.36
CA GLY A 335 3.50 -3.03 -7.71
C GLY A 335 2.66 -3.97 -8.56
N GLY A 336 1.45 -4.20 -8.07
CA GLY A 336 0.57 -5.15 -8.71
C GLY A 336 0.12 -6.24 -7.77
N ASP A 337 1.04 -6.88 -7.06
CA ASP A 337 0.63 -7.84 -6.04
C ASP A 337 0.38 -7.08 -4.75
N MET A 338 -0.90 -6.92 -4.43
CA MET A 338 -1.31 -6.10 -3.29
C MET A 338 -0.65 -6.48 -1.98
N ARG A 339 -0.11 -7.69 -1.85
CA ARG A 339 0.41 -8.12 -0.55
C ARG A 339 1.49 -7.17 -0.04
N ASP A 340 2.26 -6.54 -0.95
CA ASP A 340 3.27 -5.60 -0.51
C ASP A 340 2.65 -4.38 0.16
N ASN A 341 1.49 -3.94 -0.33
CA ASN A 341 0.78 -2.85 0.33
C ASN A 341 0.50 -3.16 1.79
N TRP A 342 0.00 -4.37 2.08
CA TRP A 342 -0.28 -4.71 3.47
C TRP A 342 1.02 -4.93 4.25
N ARG A 343 2.03 -5.51 3.60
CA ARG A 343 3.34 -5.69 4.20
C ARG A 343 3.91 -4.37 4.70
N SER A 344 3.70 -3.30 3.95
CA SER A 344 4.27 -2.02 4.34
C SER A 344 3.75 -1.55 5.70
N GLU A 345 2.61 -2.06 6.14
CA GLU A 345 2.06 -1.67 7.44
C GLU A 345 2.16 -2.78 8.49
N LEU A 346 2.22 -4.04 8.07
CA LEU A 346 2.31 -5.16 9.01
C LEU A 346 3.75 -5.51 9.37
N TYR A 347 4.73 -4.79 8.83
CA TYR A 347 6.12 -5.23 8.90
C TYR A 347 6.60 -5.37 10.34
N LYS A 348 6.06 -4.57 11.26
CA LYS A 348 6.57 -4.58 12.63
C LYS A 348 5.78 -5.49 13.55
N TYR A 349 4.95 -6.40 13.02
CA TYR A 349 4.10 -7.25 13.84
C TYR A 349 4.39 -8.73 13.58
N LYS A 350 4.06 -9.56 14.58
CA LYS A 350 4.16 -11.01 14.37
C LYS A 350 3.33 -11.75 15.41
N VAL A 351 2.71 -12.85 15.00
CA VAL A 351 1.92 -13.69 15.89
C VAL A 351 2.84 -14.63 16.66
N VAL A 352 2.61 -14.80 17.96
CA VAL A 352 3.26 -15.85 18.73
C VAL A 352 2.28 -16.54 19.68
N GLN A 353 2.60 -17.79 20.00
CA GLN A 353 1.79 -18.66 20.84
C GLN A 353 2.31 -18.64 22.27
N ILE A 354 1.43 -18.34 23.23
CA ILE A 354 1.82 -18.33 24.63
C ILE A 354 1.50 -19.67 25.30
#